data_3SV9
#
_entry.id   3SV9
#
_cell.length_a   54.837
_cell.length_b   58.676
_cell.length_c   60.726
_cell.angle_alpha   90.00
_cell.angle_beta   90.00
_cell.angle_gamma   90.00
#
_symmetry.space_group_name_H-M   'P 21 21 21'
#
loop_
_entity.id
_entity.type
_entity.pdbx_description
1 polymer 'NS3 protease, NS4A protein'
2 non-polymer (1S,3aR,6aS)-2-[(2S)-2-({(2S)-2-cyclohexyl-2-[(pyrazin-2-ylcarbonyl)amino]acetyl}amino)-3,3-dimethylbutanoyl]-N-[(2R,3S)-1-(cyclopropylamino)-2-hydroxy-1-oxohexan-3-yl]octahydrocyclopenta[c]pyrrole-1-carboxamide
3 non-polymer GLYCEROL
4 non-polymer 'SULFATE ION'
5 non-polymer 'ZINC ION'
6 water water
#
_entity_poly.entity_id   1
_entity_poly.type   'polypeptide(L)'
_entity_poly.pdbx_seq_one_letter_code
;GSHMASMKKKGSVVIVGRINLSGDTAYAQQTRGEEGCQETSQTGRDKNQVEGEVQIVSTATQTFLATSINGVLWTVYHGA
GTRTIASPKGPVTQMYTNVDKDLVGWQAPQGSRSLTPCTCGSSDLYLVTRHADVIPVRRRGDSRGSLLSPRPISYLKGSS
GGPLLCPAGHAVGIFRTAVSTRGVAKAVDFIPVESLETTMRSP
;
_entity_poly.pdbx_strand_id   A
#
loop_
_chem_comp.id
_chem_comp.type
_chem_comp.name
_chem_comp.formula
GOL non-polymer GLYCEROL 'C3 H8 O3'
SO4 non-polymer 'SULFATE ION' 'O4 S -2'
SV6 peptide-like (1S,3aR,6aS)-2-[(2S)-2-({(2S)-2-cyclohexyl-2-[(pyrazin-2-ylcarbonyl)amino]acetyl}amino)-3,3-dimethylbutanoyl]-N-[(2R,3S)-1-(cyclopropylamino)-2-hydroxy-1-oxohexan-3-yl]octahydrocyclopenta[c]pyrrole-1-carboxamide 'C36 H55 N7 O6'
ZN non-polymer 'ZINC ION' 'Zn 2'
#
# COMPACT_ATOMS: atom_id res chain seq x y z
N HIS A 3 0.04 33.71 -14.31
CA HIS A 3 -0.05 33.39 -12.84
C HIS A 3 -1.17 32.38 -12.54
N MET A 4 -2.44 32.75 -12.74
CA MET A 4 -3.52 31.75 -12.65
C MET A 4 -3.40 30.77 -13.81
N ALA A 5 -2.94 31.26 -14.95
CA ALA A 5 -2.74 30.43 -16.14
C ALA A 5 -1.55 29.46 -16.01
N SER A 6 -0.61 29.76 -15.11
CA SER A 6 0.55 28.89 -14.88
C SER A 6 0.35 27.89 -13.71
N MET A 7 -0.87 27.85 -13.15
CA MET A 7 -1.19 26.95 -12.05
C MET A 7 -1.16 25.48 -12.47
N LYS A 8 -0.18 24.74 -11.94
CA LYS A 8 -0.04 23.32 -12.24
C LYS A 8 -1.00 22.50 -11.39
N LYS A 9 -1.19 21.25 -11.79
CA LYS A 9 -1.97 20.28 -11.02
C LYS A 9 -1.03 19.15 -10.62
N LYS A 10 -1.29 18.55 -9.47
CA LYS A 10 -0.51 17.40 -9.06
C LYS A 10 -0.87 16.23 -9.96
N GLY A 11 0.09 15.35 -10.17
CA GLY A 11 -0.14 14.18 -10.99
C GLY A 11 -0.94 13.12 -10.25
N SER A 12 -1.27 12.07 -10.98
CA SER A 12 -1.90 10.91 -10.40
C SER A 12 -0.83 9.99 -9.78
N VAL A 13 -1.27 9.23 -8.79
CA VAL A 13 -0.55 8.05 -8.34
C VAL A 13 -0.56 7.06 -9.51
N VAL A 14 0.58 6.39 -9.73
CA VAL A 14 0.72 5.44 -10.81
C VAL A 14 1.16 4.07 -10.30
N ILE A 15 0.50 3.02 -10.76
CA ILE A 15 0.93 1.65 -10.46
C ILE A 15 2.14 1.34 -11.32
N VAL A 16 3.25 1.01 -10.67
CA VAL A 16 4.53 0.75 -11.38
C VAL A 16 5.03 -0.66 -11.21
N GLY A 17 4.32 -1.48 -10.43
CA GLY A 17 4.70 -2.86 -10.27
C GLY A 17 3.76 -3.54 -9.29
N ARG A 18 4.14 -4.73 -8.86
CA ARG A 18 3.34 -5.44 -7.87
C ARG A 18 4.22 -6.36 -7.06
N ILE A 19 3.73 -6.79 -5.91
CA ILE A 19 4.42 -7.80 -5.14
C ILE A 19 3.64 -9.08 -5.40
N ASN A 20 4.32 -10.02 -6.03
CA ASN A 20 3.71 -11.26 -6.42
C ASN A 20 3.71 -12.25 -5.25
N LEU A 21 2.52 -12.65 -4.81
CA LEU A 21 2.35 -13.55 -3.67
C LEU A 21 1.61 -14.82 -4.10
N SER A 22 1.56 -15.08 -5.41
CA SER A 22 0.68 -16.12 -5.96
C SER A 22 1.19 -17.53 -5.74
N GLY A 23 2.50 -17.71 -5.72
CA GLY A 23 3.08 -19.05 -5.58
C GLY A 23 3.75 -19.27 -4.25
N ASP A 24 4.77 -20.12 -4.28
CA ASP A 24 5.61 -20.44 -3.12
C ASP A 24 6.59 -19.31 -2.74
N THR A 25 6.86 -18.41 -3.69
CA THR A 25 7.91 -17.40 -3.53
C THR A 25 7.35 -16.00 -3.76
N ALA A 26 7.56 -15.11 -2.80
CA ALA A 26 7.17 -13.71 -2.97
C ALA A 26 8.27 -12.98 -3.72
N TYR A 27 7.89 -12.15 -4.71
CA TYR A 27 8.88 -11.35 -5.43
C TYR A 27 8.23 -10.12 -6.04
N ALA A 28 9.02 -9.07 -6.15
CA ALA A 28 8.58 -7.83 -6.76
C ALA A 28 8.74 -7.89 -8.27
N GLN A 29 7.74 -7.36 -8.97
CA GLN A 29 7.77 -7.24 -10.41
C GLN A 29 7.58 -5.78 -10.76
N GLN A 30 8.41 -5.26 -11.65
CA GLN A 30 8.17 -3.92 -12.15
C GLN A 30 7.39 -4.02 -13.45
N THR A 31 6.40 -3.15 -13.61
CA THR A 31 5.56 -3.14 -14.81
C THR A 31 5.64 -1.84 -15.61
N ARG A 32 6.24 -0.81 -15.01
CA ARG A 32 6.46 0.46 -15.68
C ARG A 32 7.75 1.11 -15.18
N GLY A 33 8.58 1.59 -16.12
CA GLY A 33 9.79 2.35 -15.80
C GLY A 33 9.57 3.84 -15.55
N GLU A 34 10.63 4.55 -15.21
CA GLU A 34 10.53 5.92 -14.71
C GLU A 34 9.91 6.91 -15.71
N GLU A 35 10.28 6.81 -16.99
CA GLU A 35 9.76 7.75 -18.01
C GLU A 35 8.27 7.52 -18.22
N GLY A 36 7.87 6.26 -18.34
CA GLY A 36 6.47 5.88 -18.46
C GLY A 36 5.65 6.30 -17.26
N CYS A 37 6.23 6.15 -16.08
CA CYS A 37 5.57 6.58 -14.86
C CYS A 37 5.28 8.08 -14.90
N GLN A 38 6.29 8.86 -15.28
CA GLN A 38 6.17 10.32 -15.30
C GLN A 38 5.07 10.76 -16.27
N GLU A 39 5.06 10.17 -17.46
CA GLU A 39 4.02 10.47 -18.46
C GLU A 39 2.62 10.07 -17.97
N THR A 40 2.51 8.86 -17.41
CA THR A 40 1.23 8.35 -16.92
C THR A 40 0.71 9.17 -15.73
N SER A 41 1.61 9.69 -14.91
CA SER A 41 1.20 10.53 -13.80
C SER A 41 0.56 11.82 -14.30
N GLN A 42 1.07 12.35 -15.41
CA GLN A 42 0.53 13.59 -15.97
C GLN A 42 -0.81 13.39 -16.69
N THR A 43 -0.93 12.32 -17.49
CA THR A 43 -2.18 12.06 -18.22
C THR A 43 -3.26 11.41 -17.35
N GLY A 44 -2.82 10.65 -16.36
CA GLY A 44 -3.70 9.81 -15.57
C GLY A 44 -4.28 8.63 -16.35
N ARG A 45 -3.75 8.38 -17.55
CA ARG A 45 -4.24 7.29 -18.40
C ARG A 45 -3.23 6.14 -18.37
N ASP A 46 -3.62 5.05 -17.73
CA ASP A 46 -2.77 3.88 -17.58
C ASP A 46 -3.48 2.68 -18.17
N LYS A 47 -3.02 2.23 -19.34
CA LYS A 47 -3.62 1.07 -19.98
C LYS A 47 -2.96 -0.27 -19.62
N ASN A 48 -1.98 -0.27 -18.71
CA ASN A 48 -1.35 -1.54 -18.34
C ASN A 48 -2.33 -2.46 -17.63
N GLN A 49 -2.16 -3.76 -17.82
CA GLN A 49 -2.92 -4.78 -17.10
C GLN A 49 -2.48 -4.79 -15.65
N VAL A 50 -3.44 -4.86 -14.75
CA VAL A 50 -3.16 -4.95 -13.32
C VAL A 50 -3.45 -6.37 -12.88
N GLU A 51 -2.60 -6.92 -12.01
CA GLU A 51 -2.81 -8.23 -11.39
C GLU A 51 -2.40 -8.16 -9.95
N GLY A 52 -2.96 -9.05 -9.15
CA GLY A 52 -2.47 -9.23 -7.79
C GLY A 52 -3.12 -8.34 -6.75
N GLU A 53 -2.71 -8.55 -5.51
CA GLU A 53 -3.28 -7.91 -4.34
C GLU A 53 -2.51 -6.70 -3.90
N VAL A 54 -1.18 -6.73 -4.05
CA VAL A 54 -0.32 -5.65 -3.52
C VAL A 54 0.34 -4.98 -4.72
N GLN A 55 0.06 -3.69 -4.91
CA GLN A 55 0.63 -2.89 -5.99
C GLN A 55 1.76 -2.02 -5.47
N ILE A 56 2.77 -1.79 -6.32
CA ILE A 56 3.80 -0.82 -6.05
C ILE A 56 3.36 0.44 -6.78
N VAL A 57 3.28 1.54 -6.05
CA VAL A 57 2.75 2.80 -6.59
C VAL A 57 3.75 3.94 -6.43
N SER A 58 3.66 4.92 -7.31
CA SER A 58 4.58 6.06 -7.28
C SER A 58 3.88 7.36 -7.52
N THR A 59 4.36 8.40 -6.86
CA THR A 59 4.07 9.77 -7.22
C THR A 59 5.36 10.33 -7.87
N ALA A 60 5.39 11.65 -8.11
CA ALA A 60 6.61 12.27 -8.61
C ALA A 60 7.79 12.14 -7.65
N THR A 61 7.52 12.06 -6.35
CA THR A 61 8.61 12.11 -5.36
C THR A 61 8.77 10.86 -4.51
N GLN A 62 7.74 10.01 -4.43
CA GLN A 62 7.77 8.86 -3.52
C GLN A 62 7.34 7.58 -4.22
N THR A 63 7.85 6.44 -3.75
CA THR A 63 7.33 5.14 -4.16
C THR A 63 6.96 4.37 -2.89
N PHE A 64 5.81 3.72 -2.92
CA PHE A 64 5.29 3.01 -1.74
C PHE A 64 4.32 1.91 -2.21
N LEU A 65 3.48 1.37 -1.32
CA LEU A 65 2.63 0.24 -1.69
C LEU A 65 1.14 0.60 -1.56
N ALA A 66 0.30 -0.20 -2.20
CA ALA A 66 -1.16 -0.10 -2.07
C ALA A 66 -1.72 -1.51 -2.11
N THR A 67 -2.74 -1.77 -1.28
CA THR A 67 -3.22 -3.14 -1.04
C THR A 67 -4.73 -3.20 -1.27
N SER A 68 -5.18 -4.16 -2.07
CA SER A 68 -6.60 -4.36 -2.31
CA SER A 68 -6.62 -4.36 -2.30
C SER A 68 -7.24 -5.25 -1.24
N ILE A 69 -8.28 -4.71 -0.60
CA ILE A 69 -9.05 -5.44 0.41
C ILE A 69 -10.50 -5.09 0.18
N ASN A 70 -11.33 -6.12 -0.01
CA ASN A 70 -12.78 -5.95 -0.26
C ASN A 70 -13.12 -4.99 -1.43
N GLY A 71 -12.36 -5.11 -2.50
CA GLY A 71 -12.60 -4.34 -3.71
C GLY A 71 -12.23 -2.87 -3.68
N VAL A 72 -11.41 -2.49 -2.70
CA VAL A 72 -10.87 -1.15 -2.57
C VAL A 72 -9.34 -1.27 -2.55
N LEU A 73 -8.66 -0.46 -3.33
CA LEU A 73 -7.19 -0.35 -3.27
C LEU A 73 -6.83 0.73 -2.25
N TRP A 74 -6.24 0.31 -1.14
CA TRP A 74 -5.95 1.18 0.00
C TRP A 74 -4.47 1.58 0.07
N THR A 75 -4.22 2.80 0.51
CA THR A 75 -2.86 3.19 0.84
C THR A 75 -2.87 4.29 1.90
N VAL A 76 -1.69 4.83 2.20
CA VAL A 76 -1.54 5.86 3.20
C VAL A 76 -1.74 7.27 2.66
N TYR A 77 -2.42 8.11 3.42
CA TYR A 77 -2.59 9.51 3.07
C TYR A 77 -1.23 10.24 3.01
N HIS A 78 -0.28 9.88 3.88
CA HIS A 78 1.00 10.58 3.89
C HIS A 78 1.82 10.33 2.61
N GLY A 79 1.46 9.30 1.87
CA GLY A 79 2.05 9.02 0.58
C GLY A 79 1.25 9.58 -0.57
N ALA A 80 -0.05 9.32 -0.58
CA ALA A 80 -0.89 9.63 -1.75
C ALA A 80 -1.54 11.02 -1.70
N GLY A 81 -1.65 11.58 -0.50
CA GLY A 81 -2.48 12.77 -0.32
C GLY A 81 -3.87 12.52 -0.86
N THR A 82 -4.44 13.54 -1.52
CA THR A 82 -5.77 13.45 -2.11
C THR A 82 -5.69 13.10 -3.61
N ARG A 83 -4.57 12.55 -4.07
CA ARG A 83 -4.37 12.33 -5.50
C ARG A 83 -5.30 11.31 -6.10
N THR A 84 -5.65 11.53 -7.37
CA THR A 84 -6.26 10.52 -8.19
C THR A 84 -5.27 9.40 -8.48
N ILE A 85 -5.77 8.28 -8.95
CA ILE A 85 -4.93 7.19 -9.44
C ILE A 85 -5.17 7.03 -10.95
N ALA A 86 -4.10 6.73 -11.68
CA ALA A 86 -4.19 6.55 -13.13
C ALA A 86 -4.89 5.26 -13.44
N SER A 87 -5.67 5.27 -14.53
CA SER A 87 -6.47 4.10 -14.89
C SER A 87 -6.70 4.11 -16.40
N PRO A 88 -7.20 3.01 -16.97
CA PRO A 88 -7.38 2.99 -18.44
C PRO A 88 -8.32 4.06 -18.98
N LYS A 89 -9.21 4.58 -18.14
CA LYS A 89 -10.17 5.60 -18.55
C LYS A 89 -9.78 7.01 -18.14
N GLY A 90 -8.62 7.14 -17.51
CA GLY A 90 -8.17 8.43 -17.04
C GLY A 90 -8.15 8.42 -15.53
N PRO A 91 -7.89 9.58 -14.92
CA PRO A 91 -7.73 9.64 -13.47
C PRO A 91 -9.00 9.24 -12.74
N VAL A 92 -8.82 8.51 -11.64
CA VAL A 92 -9.93 8.07 -10.79
C VAL A 92 -9.79 8.74 -9.43
N THR A 93 -10.84 9.44 -9.03
CA THR A 93 -10.90 10.11 -7.73
C THR A 93 -10.97 9.10 -6.59
N GLN A 94 -10.34 9.44 -5.47
CA GLN A 94 -10.48 8.64 -4.24
C GLN A 94 -11.94 8.45 -3.84
N MET A 95 -12.22 7.23 -3.39
CA MET A 95 -13.51 6.82 -2.87
C MET A 95 -13.54 7.00 -1.35
N TYR A 96 -12.37 6.91 -0.71
CA TYR A 96 -12.20 7.17 0.70
C TYR A 96 -10.98 8.06 0.91
N THR A 97 -11.12 9.02 1.82
CA THR A 97 -10.01 9.88 2.22
C THR A 97 -10.16 10.15 3.70
N ASN A 98 -9.19 9.73 4.50
CA ASN A 98 -9.23 9.98 5.94
C ASN A 98 -7.86 10.30 6.52
N VAL A 99 -7.55 11.60 6.61
CA VAL A 99 -6.28 12.08 7.11
C VAL A 99 -6.07 11.67 8.58
N ASP A 100 -7.14 11.58 9.35
CA ASP A 100 -7.05 11.19 10.75
C ASP A 100 -6.57 9.75 10.94
N LYS A 101 -6.93 8.85 10.03
CA LYS A 101 -6.48 7.45 10.04
C LYS A 101 -5.24 7.24 9.20
N ASP A 102 -4.83 8.27 8.44
CA ASP A 102 -3.74 8.19 7.47
C ASP A 102 -4.08 7.20 6.36
N LEU A 103 -5.31 7.25 5.88
CA LEU A 103 -5.87 6.21 4.99
C LEU A 103 -6.55 6.83 3.78
N VAL A 104 -6.29 6.29 2.59
CA VAL A 104 -7.05 6.63 1.41
C VAL A 104 -7.38 5.36 0.65
N GLY A 105 -8.37 5.43 -0.22
CA GLY A 105 -8.71 4.28 -1.04
C GLY A 105 -9.37 4.67 -2.32
N TRP A 106 -9.13 3.86 -3.35
CA TRP A 106 -9.77 3.99 -4.66
C TRP A 106 -10.46 2.68 -4.98
N GLN A 107 -11.46 2.72 -5.83
CA GLN A 107 -12.02 1.47 -6.34
C GLN A 107 -10.88 0.60 -6.89
N ALA A 108 -10.89 -0.68 -6.53
CA ALA A 108 -9.82 -1.58 -6.95
C ALA A 108 -9.81 -1.72 -8.48
N PRO A 109 -8.62 -1.62 -9.09
CA PRO A 109 -8.54 -1.70 -10.55
C PRO A 109 -9.00 -3.04 -11.09
N GLN A 110 -9.63 -3.01 -12.26
CA GLN A 110 -10.01 -4.24 -12.92
C GLN A 110 -8.76 -5.10 -13.12
N GLY A 111 -8.86 -6.38 -12.74
CA GLY A 111 -7.72 -7.29 -12.84
C GLY A 111 -7.04 -7.56 -11.51
N SER A 112 -7.10 -6.61 -10.58
CA SER A 112 -6.61 -6.84 -9.25
C SER A 112 -7.41 -7.95 -8.56
N ARG A 113 -6.81 -8.50 -7.51
CA ARG A 113 -7.43 -9.49 -6.63
C ARG A 113 -7.39 -8.86 -5.24
N SER A 114 -8.42 -9.09 -4.44
CA SER A 114 -8.49 -8.53 -3.09
C SER A 114 -8.21 -9.57 -2.04
N LEU A 115 -7.58 -9.10 -0.96
CA LEU A 115 -7.45 -9.87 0.25
C LEU A 115 -8.78 -9.80 1.01
N THR A 116 -9.04 -10.82 1.82
CA THR A 116 -10.20 -10.87 2.70
C THR A 116 -9.79 -10.41 4.09
N PRO A 117 -10.63 -9.60 4.77
CA PRO A 117 -10.28 -9.26 6.15
C PRO A 117 -10.17 -10.48 7.07
N CYS A 118 -9.16 -10.46 7.92
CA CYS A 118 -8.96 -11.50 8.92
C CYS A 118 -10.09 -11.51 9.96
N THR A 119 -10.57 -12.71 10.30
CA THR A 119 -11.56 -12.87 11.36
C THR A 119 -11.08 -13.82 12.45
N CYS A 120 -9.81 -14.20 12.42
CA CYS A 120 -9.35 -15.27 13.30
C CYS A 120 -8.76 -14.81 14.63
N GLY A 121 -8.44 -13.53 14.76
CA GLY A 121 -7.93 -13.00 16.02
C GLY A 121 -6.48 -13.34 16.31
N SER A 122 -5.76 -13.89 15.35
CA SER A 122 -4.36 -14.30 15.54
C SER A 122 -3.47 -13.09 15.77
N SER A 123 -2.50 -13.24 16.66
CA SER A 123 -1.51 -12.20 16.90
C SER A 123 -0.16 -12.49 16.24
N ASP A 124 -0.07 -13.58 15.46
CA ASP A 124 1.15 -13.89 14.71
C ASP A 124 1.00 -13.40 13.26
N LEU A 125 1.66 -12.30 12.95
CA LEU A 125 1.46 -11.61 11.69
C LEU A 125 2.68 -11.66 10.79
N TYR A 126 2.45 -11.26 9.52
CA TYR A 126 3.51 -11.23 8.50
C TYR A 126 3.38 -9.94 7.73
N LEU A 127 4.44 -9.14 7.68
CA LEU A 127 4.46 -7.89 6.93
C LEU A 127 5.13 -8.13 5.57
N VAL A 128 4.46 -7.71 4.50
CA VAL A 128 4.99 -7.81 3.15
C VAL A 128 5.59 -6.46 2.76
N THR A 129 6.88 -6.46 2.41
CA THR A 129 7.58 -5.20 2.12
C THR A 129 7.64 -4.93 0.64
N ARG A 130 8.07 -3.72 0.29
CA ARG A 130 8.15 -3.35 -1.12
C ARG A 130 9.24 -4.13 -1.87
N HIS A 131 10.13 -4.79 -1.13
CA HIS A 131 11.13 -5.66 -1.75
C HIS A 131 10.72 -7.13 -1.69
N ALA A 132 9.46 -7.36 -1.33
CA ALA A 132 8.88 -8.71 -1.28
C ALA A 132 9.45 -9.57 -0.17
N ASP A 133 10.00 -8.94 0.87
CA ASP A 133 10.34 -9.66 2.10
C ASP A 133 9.03 -9.92 2.83
N VAL A 134 8.92 -11.09 3.46
CA VAL A 134 7.77 -11.43 4.30
C VAL A 134 8.33 -11.54 5.72
N ILE A 135 8.05 -10.53 6.54
CA ILE A 135 8.72 -10.34 7.84
C ILE A 135 7.75 -10.71 8.96
N PRO A 136 8.15 -11.62 9.87
CA PRO A 136 7.30 -11.94 11.01
C PRO A 136 7.18 -10.78 11.99
N VAL A 137 5.95 -10.52 12.40
CA VAL A 137 5.61 -9.45 13.33
C VAL A 137 4.64 -10.00 14.37
N ARG A 138 4.94 -9.82 15.66
CA ARG A 138 4.02 -10.20 16.70
C ARG A 138 3.11 -9.01 16.99
N ARG A 139 1.81 -9.19 16.88
CA ARG A 139 0.88 -8.13 17.23
C ARG A 139 0.99 -7.78 18.70
N ARG A 140 1.10 -6.49 18.99
CA ARG A 140 1.26 -6.01 20.36
C ARG A 140 0.13 -5.12 20.84
N GLY A 141 -0.76 -4.72 19.93
CA GLY A 141 -1.95 -3.96 20.30
C GLY A 141 -2.86 -3.83 19.10
N ASP A 142 -3.90 -3.01 19.20
CA ASP A 142 -4.80 -2.80 18.06
C ASP A 142 -4.06 -2.33 16.79
N SER A 143 -3.01 -1.53 16.94
CA SER A 143 -2.40 -0.87 15.79
C SER A 143 -0.88 -0.96 15.81
N ARG A 144 -0.32 -1.86 16.61
CA ARG A 144 1.15 -1.99 16.71
C ARG A 144 1.57 -3.45 16.73
N GLY A 145 2.73 -3.72 16.13
CA GLY A 145 3.36 -5.03 16.19
C GLY A 145 4.86 -4.90 16.31
N SER A 146 5.52 -5.89 16.88
CA SER A 146 6.97 -5.86 17.01
C SER A 146 7.62 -6.79 15.98
N LEU A 147 8.74 -6.35 15.43
CA LEU A 147 9.51 -7.20 14.52
C LEU A 147 10.23 -8.26 15.34
N LEU A 148 10.15 -9.50 14.90
CA LEU A 148 10.89 -10.57 15.59
C LEU A 148 12.39 -10.35 15.43
N SER A 149 12.78 -9.75 14.31
CA SER A 149 14.16 -9.37 14.03
C SER A 149 14.23 -7.89 13.65
N PRO A 150 14.70 -7.02 14.55
CA PRO A 150 14.82 -5.60 14.17
C PRO A 150 15.75 -5.34 12.97
N ARG A 151 15.40 -4.30 12.21
CA ARG A 151 16.04 -3.95 10.94
C ARG A 151 16.35 -2.45 10.96
N PRO A 152 17.41 -2.01 10.26
CA PRO A 152 17.49 -0.57 9.99
C PRO A 152 16.21 -0.08 9.33
N ILE A 153 15.81 1.15 9.61
CA ILE A 153 14.56 1.69 9.04
C ILE A 153 14.57 1.72 7.52
N SER A 154 15.75 1.80 6.91
CA SER A 154 15.88 1.74 5.44
C SER A 154 15.14 0.56 4.82
N TYR A 155 15.16 -0.57 5.53
CA TYR A 155 14.56 -1.83 5.12
CA TYR A 155 14.57 -1.79 4.98
C TYR A 155 13.05 -1.67 4.87
N LEU A 156 12.44 -0.79 5.64
CA LEU A 156 10.98 -0.59 5.60
C LEU A 156 10.55 0.63 4.79
N LYS A 157 11.51 1.46 4.38
CA LYS A 157 11.23 2.66 3.61
C LYS A 157 10.57 2.25 2.31
N GLY A 158 9.42 2.82 2.03
CA GLY A 158 8.68 2.53 0.81
C GLY A 158 7.68 1.40 0.95
N SER A 159 7.53 0.84 2.16
CA SER A 159 6.56 -0.24 2.40
C SER A 159 5.22 0.24 2.96
N SER A 160 5.11 1.53 3.30
CA SER A 160 3.83 2.06 3.74
C SER A 160 2.76 1.76 2.70
N GLY A 161 1.57 1.37 3.17
CA GLY A 161 0.49 0.94 2.32
C GLY A 161 0.44 -0.55 2.09
N GLY A 162 1.49 -1.28 2.49
CA GLY A 162 1.53 -2.74 2.34
C GLY A 162 0.78 -3.48 3.44
N PRO A 163 0.52 -4.77 3.24
CA PRO A 163 -0.29 -5.49 4.19
C PRO A 163 0.46 -6.16 5.33
N LEU A 164 -0.22 -6.23 6.46
CA LEU A 164 0.10 -7.24 7.49
C LEU A 164 -0.94 -8.34 7.35
N LEU A 165 -0.47 -9.58 7.25
CA LEU A 165 -1.32 -10.75 7.04
C LEU A 165 -1.28 -11.70 8.24
N CYS A 166 -2.37 -12.43 8.46
CA CYS A 166 -2.43 -13.49 9.48
C CYS A 166 -1.83 -14.77 8.91
N PRO A 167 -1.72 -15.84 9.73
CA PRO A 167 -1.20 -17.09 9.19
C PRO A 167 -2.00 -17.66 8.02
N ALA A 168 -3.30 -17.38 7.95
CA ALA A 168 -4.17 -17.86 6.86
C ALA A 168 -4.14 -16.94 5.64
N GLY A 169 -3.33 -15.89 5.68
CA GLY A 169 -3.16 -15.00 4.50
C GLY A 169 -4.26 -13.96 4.35
N HIS A 170 -4.99 -13.70 5.42
CA HIS A 170 -6.02 -12.66 5.43
C HIS A 170 -5.40 -11.35 5.87
N ALA A 171 -6.04 -10.24 5.51
CA ALA A 171 -5.51 -8.93 5.80
C ALA A 171 -5.87 -8.53 7.23
N VAL A 172 -4.85 -8.18 8.01
CA VAL A 172 -5.02 -7.73 9.38
C VAL A 172 -4.85 -6.22 9.49
N GLY A 173 -4.05 -5.64 8.59
CA GLY A 173 -3.85 -4.21 8.61
C GLY A 173 -3.01 -3.72 7.45
N ILE A 174 -2.87 -2.40 7.38
CA ILE A 174 -2.05 -1.69 6.39
C ILE A 174 -0.92 -1.01 7.13
N PHE A 175 0.32 -1.31 6.74
CA PHE A 175 1.51 -0.71 7.37
C PHE A 175 1.50 0.79 7.20
N ARG A 176 1.72 1.53 8.29
CA ARG A 176 1.64 2.98 8.28
C ARG A 176 3.00 3.60 8.53
N THR A 177 3.64 3.21 9.63
CA THR A 177 4.93 3.81 9.96
C THR A 177 5.76 2.89 10.84
N ALA A 178 7.09 3.01 10.74
CA ALA A 178 8.00 2.27 11.58
C ALA A 178 8.18 3.00 12.89
N VAL A 179 8.40 2.24 13.95
CA VAL A 179 8.71 2.79 15.25
C VAL A 179 10.20 2.54 15.43
N SER A 180 11.00 3.59 15.53
CA SER A 180 12.44 3.42 15.51
C SER A 180 13.19 4.11 16.63
N THR A 181 14.37 3.58 16.91
CA THR A 181 15.29 4.14 17.89
C THR A 181 16.68 4.11 17.29
N ARG A 182 17.32 5.28 17.21
CA ARG A 182 18.66 5.40 16.63
C ARG A 182 18.76 4.68 15.29
N GLY A 183 17.71 4.79 14.48
CA GLY A 183 17.70 4.25 13.12
C GLY A 183 17.32 2.78 12.98
N VAL A 184 17.04 2.10 14.10
CA VAL A 184 16.66 0.70 14.09
C VAL A 184 15.14 0.60 14.32
N ALA A 185 14.45 -0.07 13.40
CA ALA A 185 13.02 -0.32 13.54
C ALA A 185 12.85 -1.55 14.42
N LYS A 186 12.17 -1.38 15.56
CA LYS A 186 11.85 -2.50 16.44
C LYS A 186 10.37 -2.88 16.38
N ALA A 187 9.54 -1.96 15.89
CA ALA A 187 8.12 -2.18 15.85
C ALA A 187 7.52 -1.46 14.68
N VAL A 188 6.26 -1.75 14.37
CA VAL A 188 5.54 -1.09 13.30
C VAL A 188 4.14 -0.68 13.75
N ASP A 189 3.68 0.45 13.23
CA ASP A 189 2.34 0.91 13.46
C ASP A 189 1.57 0.63 12.18
N PHE A 190 0.33 0.20 12.31
CA PHE A 190 -0.48 -0.11 11.17
C PHE A 190 -1.92 0.32 11.37
N ILE A 191 -2.66 0.38 10.27
CA ILE A 191 -4.08 0.71 10.31
C ILE A 191 -4.83 -0.64 10.35
N PRO A 192 -5.54 -0.93 11.44
CA PRO A 192 -6.20 -2.23 11.51
C PRO A 192 -7.30 -2.39 10.47
N VAL A 193 -7.47 -3.60 9.96
CA VAL A 193 -8.48 -3.86 8.94
C VAL A 193 -9.88 -3.49 9.42
N GLU A 194 -10.15 -3.59 10.73
CA GLU A 194 -11.47 -3.22 11.24
C GLU A 194 -11.77 -1.75 11.00
N SER A 195 -10.72 -0.94 11.01
CA SER A 195 -10.84 0.47 10.74
C SER A 195 -11.20 0.71 9.27
N LEU A 196 -10.64 -0.07 8.36
CA LEU A 196 -11.03 -0.04 6.95
C LEU A 196 -12.47 -0.50 6.79
N GLU A 197 -12.85 -1.55 7.51
CA GLU A 197 -14.21 -2.11 7.36
C GLU A 197 -15.26 -1.11 7.81
N THR A 198 -14.97 -0.37 8.89
CA THR A 198 -15.86 0.68 9.36
C THR A 198 -15.98 1.79 8.32
N THR A 199 -14.84 2.16 7.73
CA THR A 199 -14.80 3.16 6.66
C THR A 199 -15.70 2.75 5.49
N MET A 200 -15.68 1.47 5.13
CA MET A 200 -16.50 0.97 4.03
C MET A 200 -17.98 0.84 4.37
N ARG A 201 -18.28 0.61 5.65
CA ARG A 201 -19.61 0.17 6.11
C ARG A 201 -19.86 -1.31 5.79
CBN SV6 B . 10.99 8.46 17.30
CBO SV6 B . 12.97 9.25 18.20
CBP SV6 B . 12.25 9.95 19.16
CBB SV6 B . 10.26 7.60 16.24
CBQ SV6 B . 10.28 9.17 18.27
OBW SV6 B . 10.77 6.59 15.77
NAF SV6 B . 12.34 8.53 17.29
NAG SV6 B . 10.92 9.89 19.17
NAD SV6 B . 9.06 8.06 15.89
CAY SV6 B . 8.23 7.37 14.88
CAX SV6 B . 8.52 8.02 13.52
OBU SV6 B . 8.77 9.22 13.45
CBH SV6 B . 6.75 7.47 15.28
CBI SV6 B . 6.55 7.10 16.75
CBJ SV6 B . 5.11 7.31 17.19
CBK SV6 B . 4.14 6.51 16.31
CBL SV6 B . 4.38 6.74 14.81
CBM SV6 B . 5.87 6.56 14.43
NAC SV6 B . 8.55 7.19 12.48
CAW SV6 B . 8.84 7.69 11.12
CAZ SV6 B . 10.26 7.25 10.64
CBC SV6 B . 10.56 5.77 10.94
CBD SV6 B . 11.31 8.12 11.34
CBA SV6 B . 10.37 7.46 9.13
CAV SV6 B . 7.77 7.16 10.17
OBT SV6 B . 7.55 5.95 10.12
C SV6 B . 6.75 7.01 7.28
N SV6 B . 7.03 8.01 9.43
O SV6 B . 7.56 7.71 6.68
CA SV6 B . 6.00 7.58 8.48
CB SV6 B . 5.22 8.83 8.08
CG SV6 B . 6.10 10.03 8.48
CBE SV6 B . 3.95 8.97 8.93
CBF SV6 B . 3.76 10.47 8.98
CD1 SV6 B . 7.21 9.48 9.41
CD2 SV6 B . 5.17 10.97 9.27
NAA SV6 B . 8.26 5.75 3.18
NAE SV6 B . 6.49 5.75 6.98
CAH SV6 B . 7.25 5.09 5.90
CAI SV6 B . 6.47 5.25 4.61
CAJ SV6 B . 7.50 3.59 6.19
CAK SV6 B . 8.68 3.35 7.14
CAL SV6 B . 8.58 4.27 8.35
CAM SV6 B . 7.25 4.92 3.42
CAN SV6 B . 9.10 5.70 1.97
CAO SV6 B . 8.73 6.75 0.93
CAP SV6 B . 10.00 6.91 1.76
OBR SV6 B . 5.99 6.56 4.38
OBS SV6 B . 6.90 3.95 2.74
C1 GOL C . -13.68 4.95 -13.56
O1 GOL C . -13.01 5.49 -14.66
C2 GOL C . -15.14 4.84 -13.92
O2 GOL C . -15.57 6.10 -14.38
C3 GOL C . -15.92 4.41 -12.68
O3 GOL C . -16.08 3.01 -12.75
S SO4 D . -1.32 17.05 2.51
O1 SO4 D . -0.64 18.26 2.03
O2 SO4 D . -0.60 16.55 3.69
O3 SO4 D . -2.72 17.35 2.87
O4 SO4 D . -1.29 16.00 1.47
ZN ZN E . -6.91 -14.47 10.04
#